data_4EGZ
#
_entry.id   4EGZ
#
_cell.length_a   46.160
_cell.length_b   46.160
_cell.length_c   171.200
_cell.angle_alpha   90.00
_cell.angle_beta   90.00
_cell.angle_gamma   90.00
#
_symmetry.space_group_name_H-M   'P 43'
#
loop_
_entity.id
_entity.type
_entity.pdbx_description
1 polymer 'Arabinose metabolism transcriptional repressor'
2 polymer "5'-D(*AP*AP*AP*TP*TP*TP*GP*TP*CP*CP*GP*TP*AP*TP*AP*CP*AP*TP*TP*TP*T)-3'"
3 polymer "5'-D(*TP*AP*AP*AP*AP*TP*GP*TP*AP*TP*AP*CP*GP*GP*AP*CP*AP*AP*AP*TP*T)-3'"
4 non-polymer 'ACETATE ION'
5 water water
#
loop_
_entity_poly.entity_id
_entity_poly.type
_entity_poly.pdbx_seq_one_letter_code
_entity_poly.pdbx_strand_id
1 'polypeptide(L)'
;MHHHHHHLEVLFQGPLGSEFMLPKYAQVKEEISSWINQGKILPDQKIPTENELMQQFGVSRHTIRKAIGDLVSQGLLYSV
QGGGTFVA
;
A,B
2 'polydeoxyribonucleotide'
;(DA)(DA)(DA)(DT)(DT)(DT)(DG)(DT)(DC)(DC)(DG)(DT)(DA)(DT)(DA)(DC)(DA)(DT)(DT)(DT)
(DT)
;
T
3 'polydeoxyribonucleotide'
;(DT)(DA)(DA)(DA)(DA)(DT)(DG)(DT)(DA)(DT)(DA)(DC)(DG)(DG)(DA)(DC)(DA)(DA)(DA)(DT)
(DT)
;
U
#
loop_
_chem_comp.id
_chem_comp.type
_chem_comp.name
_chem_comp.formula
ACT non-polymer 'ACETATE ION' 'C2 H3 O2 -1'
DA DNA linking 2'-DEOXYADENOSINE-5'-MONOPHOSPHATE 'C10 H14 N5 O6 P'
DC DNA linking 2'-DEOXYCYTIDINE-5'-MONOPHOSPHATE 'C9 H14 N3 O7 P'
DG DNA linking 2'-DEOXYGUANOSINE-5'-MONOPHOSPHATE 'C10 H14 N5 O7 P'
DT DNA linking THYMIDINE-5'-MONOPHOSPHATE 'C10 H15 N2 O8 P'
#
# COMPACT_ATOMS: atom_id res chain seq x y z
N LEU A 8 8.80 -16.63 5.03
CA LEU A 8 9.78 -17.20 4.11
C LEU A 8 10.58 -16.12 3.41
N GLU A 9 10.03 -14.90 3.31
CA GLU A 9 10.67 -13.88 2.50
C GLU A 9 11.69 -12.97 3.18
N VAL A 10 12.96 -13.33 3.02
CA VAL A 10 14.09 -12.41 3.12
C VAL A 10 15.37 -13.20 2.83
N LEU A 11 16.50 -12.54 2.63
CA LEU A 11 17.76 -13.26 2.68
C LEU A 11 19.07 -12.46 2.75
N PHE A 12 20.16 -13.21 2.89
CA PHE A 12 21.52 -12.73 2.71
C PHE A 12 22.22 -13.81 1.91
N GLN A 13 22.76 -13.45 0.75
CA GLN A 13 23.09 -14.45 -0.27
C GLN A 13 24.50 -15.03 -0.14
N GLY A 14 24.58 -16.33 0.08
CA GLY A 14 25.85 -17.02 0.29
C GLY A 14 25.84 -18.43 -0.25
N PRO A 15 27.03 -19.04 -0.38
CA PRO A 15 27.22 -20.27 -1.15
C PRO A 15 26.67 -21.49 -0.42
N LEU A 16 26.70 -22.64 -1.08
CA LEU A 16 26.21 -23.87 -0.48
C LEU A 16 24.92 -23.61 0.30
N GLY A 17 23.86 -23.32 -0.45
CA GLY A 17 22.58 -22.95 0.12
C GLY A 17 22.27 -21.48 -0.05
N SER A 18 21.14 -21.04 0.51
CA SER A 18 20.76 -19.63 0.51
C SER A 18 20.13 -19.30 1.86
N GLU A 19 20.59 -18.23 2.51
CA GLU A 19 20.21 -17.96 3.89
C GLU A 19 18.98 -17.07 4.02
N PHE A 20 17.95 -17.57 4.69
CA PHE A 20 16.64 -16.93 4.71
C PHE A 20 16.24 -16.50 6.11
N MET A 21 15.27 -15.59 6.17
CA MET A 21 14.68 -15.16 7.43
C MET A 21 13.23 -14.77 7.17
N LEU A 22 12.44 -14.68 8.24
CA LEU A 22 11.07 -14.23 8.11
C LEU A 22 11.03 -12.77 7.69
N PRO A 23 9.98 -12.36 6.97
CA PRO A 23 9.81 -10.94 6.67
C PRO A 23 9.73 -10.12 7.96
N LYS A 24 10.02 -8.84 7.88
CA LYS A 24 10.09 -7.99 9.07
C LYS A 24 8.81 -8.03 9.91
N TYR A 25 7.67 -7.94 9.24
CA TYR A 25 6.38 -7.89 9.92
C TYR A 25 6.12 -9.21 10.63
N ALA A 26 6.68 -10.29 10.10
CA ALA A 26 6.57 -11.60 10.73
C ALA A 26 7.36 -11.65 12.04
N GLN A 27 8.56 -11.10 12.00
CA GLN A 27 9.40 -11.00 13.21
C GLN A 27 8.68 -10.18 14.28
N VAL A 28 8.14 -9.03 13.87
CA VAL A 28 7.36 -8.20 14.78
C VAL A 28 6.19 -9.01 15.37
N LYS A 29 5.46 -9.71 14.51
CA LYS A 29 4.39 -10.59 14.98
C LYS A 29 4.87 -11.54 16.08
N GLU A 30 5.94 -12.28 15.80
CA GLU A 30 6.49 -13.22 16.78
C GLU A 30 6.79 -12.53 18.09
N GLU A 31 7.43 -11.37 18.03
CA GLU A 31 7.81 -10.66 19.25
C GLU A 31 6.59 -10.32 20.09
N ILE A 32 5.63 -9.65 19.45
CA ILE A 32 4.41 -9.23 20.15
C ILE A 32 3.67 -10.41 20.75
N SER A 33 3.43 -11.43 19.92
CA SER A 33 2.69 -12.59 20.36
C SER A 33 3.41 -13.31 21.50
N SER A 34 4.74 -13.24 21.51
CA SER A 34 5.49 -13.85 22.59
C SER A 34 5.33 -13.05 23.87
N TRP A 35 5.25 -11.72 23.75
CA TRP A 35 4.99 -10.89 24.91
C TRP A 35 3.68 -11.33 25.53
N ILE A 36 2.67 -11.50 24.67
CA ILE A 36 1.35 -11.89 25.15
C ILE A 36 1.35 -13.28 25.80
N ASN A 37 1.87 -14.27 25.08
CA ASN A 37 1.82 -15.66 25.52
C ASN A 37 2.70 -15.95 26.73
N GLN A 38 3.61 -15.04 27.06
CA GLN A 38 4.39 -15.14 28.29
C GLN A 38 3.76 -14.33 29.42
N GLY A 39 2.63 -13.70 29.14
CA GLY A 39 1.90 -12.93 30.12
C GLY A 39 2.58 -11.65 30.58
N LYS A 40 3.55 -11.18 29.82
CA LYS A 40 4.16 -9.88 30.10
C LYS A 40 3.14 -8.77 29.83
N ILE A 41 2.08 -9.15 29.11
CA ILE A 41 0.96 -8.27 28.84
C ILE A 41 -0.35 -9.02 29.06
N LEU A 42 -1.22 -8.47 29.90
CA LEU A 42 -2.41 -9.18 30.34
C LEU A 42 -3.65 -8.50 29.77
N PRO A 43 -4.74 -9.26 29.62
CA PRO A 43 -5.94 -8.79 28.92
C PRO A 43 -6.38 -7.38 29.34
N ASP A 44 -6.76 -6.60 28.35
CA ASP A 44 -7.17 -5.20 28.53
C ASP A 44 -6.00 -4.25 28.79
N GLN A 45 -4.80 -4.80 28.89
CA GLN A 45 -3.60 -3.99 29.00
C GLN A 45 -3.16 -3.57 27.61
N LYS A 46 -2.64 -2.36 27.49
CA LYS A 46 -2.24 -1.85 26.18
C LYS A 46 -0.82 -2.29 25.86
N ILE A 47 -0.59 -2.57 24.58
CA ILE A 47 0.76 -2.79 24.09
C ILE A 47 1.40 -1.44 23.78
N PRO A 48 2.73 -1.41 23.57
CA PRO A 48 3.39 -0.17 23.12
C PRO A 48 2.71 0.42 21.88
N THR A 49 2.73 1.74 21.75
CA THR A 49 2.10 2.43 20.62
C THR A 49 2.80 2.08 19.31
N GLU A 50 2.08 2.18 18.21
CA GLU A 50 2.67 1.93 16.89
C GLU A 50 3.95 2.73 16.69
N ASN A 51 3.95 3.97 17.18
CA ASN A 51 5.12 4.84 17.09
C ASN A 51 6.29 4.28 17.91
N GLU A 52 6.02 3.94 19.15
CA GLU A 52 7.03 3.32 20.01
C GLU A 52 7.59 2.08 19.32
N LEU A 53 6.68 1.25 18.80
CA LEU A 53 7.09 0.00 18.18
C LEU A 53 7.99 0.22 16.98
N MET A 54 7.63 1.18 16.14
CA MET A 54 8.45 1.46 14.96
C MET A 54 9.84 1.99 15.37
N GLN A 55 9.88 2.80 16.42
CA GLN A 55 11.15 3.35 16.88
C GLN A 55 12.07 2.28 17.49
N GLN A 56 11.47 1.35 18.24
CA GLN A 56 12.25 0.32 18.93
C GLN A 56 12.64 -0.83 18.01
N PHE A 57 11.76 -1.19 17.09
CA PHE A 57 12.02 -2.24 16.12
C PHE A 57 12.79 -1.73 14.91
N GLY A 58 12.80 -0.42 14.71
CA GLY A 58 13.51 0.17 13.59
C GLY A 58 12.87 -0.08 12.22
N VAL A 59 11.56 -0.31 12.19
CA VAL A 59 10.87 -0.49 10.91
C VAL A 59 9.78 0.57 10.70
N SER A 60 9.14 0.52 9.54
CA SER A 60 8.13 1.53 9.20
C SER A 60 6.81 1.27 9.92
N ARG A 61 6.01 2.31 10.04
CA ARG A 61 4.71 2.22 10.67
C ARG A 61 3.81 1.21 9.98
N HIS A 62 4.03 0.98 8.69
CA HIS A 62 3.21 0.02 7.97
C HIS A 62 3.59 -1.41 8.30
N THR A 63 4.85 -1.64 8.61
CA THR A 63 5.29 -2.97 9.01
C THR A 63 4.64 -3.33 10.35
N ILE A 64 4.60 -2.34 11.24
CA ILE A 64 4.00 -2.49 12.56
C ILE A 64 2.51 -2.74 12.43
N ARG A 65 1.87 -1.91 11.60
CA ARG A 65 0.42 -1.99 11.42
C ARG A 65 0.04 -3.31 10.76
N LYS A 66 0.89 -3.78 9.87
CA LYS A 66 0.67 -5.07 9.23
C LYS A 66 0.73 -6.20 10.28
N ALA A 67 1.80 -6.24 11.06
CA ALA A 67 1.91 -7.27 12.10
C ALA A 67 0.70 -7.24 13.03
N ILE A 68 0.44 -6.07 13.60
CA ILE A 68 -0.69 -5.89 14.50
C ILE A 68 -2.03 -6.27 13.86
N GLY A 69 -2.17 -5.98 12.57
CA GLY A 69 -3.38 -6.31 11.84
C GLY A 69 -3.57 -7.80 11.78
N ASP A 70 -2.50 -8.51 11.44
CA ASP A 70 -2.56 -9.97 11.45
C ASP A 70 -2.94 -10.47 12.83
N LEU A 71 -2.42 -9.81 13.87
CA LEU A 71 -2.68 -10.28 15.23
C LEU A 71 -4.08 -9.95 15.74
N VAL A 72 -4.73 -8.95 15.14
CA VAL A 72 -6.13 -8.66 15.46
C VAL A 72 -7.03 -9.62 14.72
N SER A 73 -6.68 -9.93 13.46
CA SER A 73 -7.41 -10.92 12.70
C SER A 73 -7.48 -12.25 13.46
N GLN A 74 -6.47 -12.52 14.27
CA GLN A 74 -6.44 -13.73 15.09
C GLN A 74 -7.22 -13.58 16.40
N GLY A 75 -7.52 -12.34 16.77
CA GLY A 75 -8.20 -12.07 18.02
C GLY A 75 -7.29 -12.10 19.24
N LEU A 76 -5.98 -11.96 19.02
CA LEU A 76 -5.04 -11.80 20.11
C LEU A 76 -5.03 -10.36 20.58
N LEU A 77 -5.31 -9.45 19.66
CA LEU A 77 -5.31 -8.02 19.95
C LEU A 77 -6.60 -7.39 19.50
N TYR A 78 -6.85 -6.17 19.97
CA TYR A 78 -7.88 -5.32 19.41
C TYR A 78 -7.41 -3.88 19.57
N SER A 79 -7.75 -3.02 18.61
CA SER A 79 -7.31 -1.64 18.68
C SER A 79 -8.50 -0.69 18.78
N VAL A 80 -8.30 0.41 19.50
CA VAL A 80 -9.29 1.46 19.57
C VAL A 80 -8.67 2.71 18.97
N GLN A 81 -9.30 3.27 17.94
CA GLN A 81 -8.77 4.48 17.31
C GLN A 81 -8.76 5.62 18.33
N GLY A 82 -7.58 6.18 18.52
CA GLY A 82 -7.34 7.22 19.51
C GLY A 82 -7.11 6.63 20.90
N GLY A 83 -7.63 5.42 21.13
CA GLY A 83 -7.38 4.72 22.38
C GLY A 83 -6.00 4.10 22.50
N GLY A 84 -5.71 3.15 21.62
CA GLY A 84 -4.49 2.36 21.69
C GLY A 84 -4.73 0.94 21.21
N THR A 85 -3.76 0.07 21.43
CA THR A 85 -3.91 -1.34 21.07
C THR A 85 -3.73 -2.24 22.29
N PHE A 86 -4.55 -3.29 22.37
CA PHE A 86 -4.69 -4.07 23.60
C PHE A 86 -4.69 -5.58 23.35
N VAL A 87 -4.28 -6.33 24.37
CA VAL A 87 -4.35 -7.79 24.34
C VAL A 87 -5.81 -8.20 24.53
N ALA A 88 -6.31 -9.03 23.63
CA ALA A 88 -7.70 -9.48 23.67
C ALA A 88 -8.02 -10.23 24.95
N HIS B 6 -7.00 19.46 5.31
CA HIS B 6 -6.32 20.17 4.23
C HIS B 6 -5.86 19.22 3.14
N HIS B 7 -6.77 18.38 2.66
CA HIS B 7 -6.46 17.42 1.61
C HIS B 7 -5.13 17.70 0.92
N LEU B 8 -4.17 16.79 1.05
CA LEU B 8 -2.83 17.04 0.53
C LEU B 8 -2.75 17.20 -0.99
N GLU B 9 -3.40 16.31 -1.73
CA GLU B 9 -3.38 16.40 -3.19
C GLU B 9 -1.92 16.46 -3.63
N VAL B 10 -1.63 17.41 -4.52
CA VAL B 10 -0.27 17.71 -4.93
C VAL B 10 -0.03 19.20 -4.70
N LEU B 11 1.06 19.55 -4.03
CA LEU B 11 1.36 20.95 -3.80
C LEU B 11 2.73 21.33 -4.31
N PHE B 12 2.77 22.36 -5.15
CA PHE B 12 4.04 22.89 -5.66
C PHE B 12 4.65 23.93 -4.71
N GLN B 13 3.78 24.77 -4.17
CA GLN B 13 4.15 25.88 -3.31
C GLN B 13 3.03 26.23 -2.34
N GLY B 14 3.37 26.92 -1.26
CA GLY B 14 2.39 27.30 -0.24
C GLY B 14 1.49 28.53 -0.19
N PRO B 15 2.09 29.64 -0.58
CA PRO B 15 1.51 30.99 -0.50
C PRO B 15 0.34 31.35 -1.41
N LEU B 16 -0.44 32.29 -0.89
CA LEU B 16 -1.57 32.93 -1.55
C LEU B 16 -2.78 32.16 -2.10
N GLY B 17 -3.10 32.53 -3.33
CA GLY B 17 -4.28 32.14 -4.09
C GLY B 17 -5.56 31.35 -4.28
N SER B 18 -5.34 30.19 -4.86
CA SER B 18 -6.29 29.16 -5.14
C SER B 18 -5.19 28.15 -5.06
N GLU B 19 -5.42 27.01 -4.45
CA GLU B 19 -4.27 26.11 -4.36
C GLU B 19 -4.15 25.04 -5.45
N PHE B 20 -3.27 24.09 -5.18
CA PHE B 20 -2.61 23.31 -6.22
C PHE B 20 -3.21 21.97 -6.68
N MET B 21 -2.39 21.24 -7.43
CA MET B 21 -2.81 20.17 -8.34
C MET B 21 -3.41 18.91 -7.74
N LEU B 22 -4.11 18.18 -8.61
CA LEU B 22 -4.63 16.86 -8.29
C LEU B 22 -3.48 15.89 -8.08
N PRO B 23 -3.74 14.82 -7.31
CA PRO B 23 -2.79 13.73 -7.07
C PRO B 23 -2.32 13.15 -8.40
N LYS B 24 -1.14 12.54 -8.42
CA LYS B 24 -0.57 12.02 -9.67
C LYS B 24 -1.50 11.02 -10.35
N TYR B 25 -2.11 10.14 -9.55
CA TYR B 25 -2.91 9.06 -10.09
C TYR B 25 -4.15 9.63 -10.78
N ALA B 26 -4.67 10.73 -10.25
CA ALA B 26 -5.84 11.40 -10.83
C ALA B 26 -5.49 12.07 -12.17
N GLN B 27 -4.31 12.67 -12.23
CA GLN B 27 -3.83 13.22 -13.48
C GLN B 27 -3.72 12.11 -14.55
N VAL B 28 -3.13 10.99 -14.15
CA VAL B 28 -3.05 9.84 -15.04
C VAL B 28 -4.44 9.39 -15.50
N LYS B 29 -5.36 9.30 -14.54
CA LYS B 29 -6.76 8.98 -14.85
C LYS B 29 -7.32 9.90 -15.94
N GLU B 30 -7.15 11.21 -15.75
CA GLU B 30 -7.62 12.19 -16.72
C GLU B 30 -7.03 11.90 -18.10
N GLU B 31 -5.72 11.66 -18.15
CA GLU B 31 -5.08 11.41 -19.45
C GLU B 31 -5.67 10.19 -20.16
N ILE B 32 -5.71 9.06 -19.47
CA ILE B 32 -6.25 7.84 -20.05
C ILE B 32 -7.70 8.04 -20.51
N SER B 33 -8.53 8.58 -19.62
CA SER B 33 -9.92 8.81 -19.94
C SER B 33 -10.05 9.75 -21.14
N SER B 34 -9.08 10.65 -21.31
CA SER B 34 -9.06 11.53 -22.47
C SER B 34 -8.81 10.73 -23.74
N TRP B 35 -7.84 9.83 -23.69
CA TRP B 35 -7.57 8.98 -24.84
C TRP B 35 -8.82 8.24 -25.26
N ILE B 36 -9.54 7.72 -24.28
CA ILE B 36 -10.76 6.97 -24.61
C ILE B 36 -11.84 7.89 -25.19
N ASN B 37 -12.06 9.03 -24.55
CA ASN B 37 -13.18 9.89 -24.95
C ASN B 37 -12.92 10.79 -26.16
N GLN B 38 -11.69 10.82 -26.64
CA GLN B 38 -11.40 11.43 -27.93
C GLN B 38 -11.36 10.35 -29.02
N GLY B 39 -11.57 9.12 -28.59
CA GLY B 39 -11.60 7.98 -29.49
C GLY B 39 -10.27 7.58 -30.10
N LYS B 40 -9.16 8.03 -29.50
CA LYS B 40 -7.84 7.57 -29.94
C LYS B 40 -7.69 6.09 -29.62
N ILE B 41 -8.43 5.65 -28.61
CA ILE B 41 -8.46 4.24 -28.27
C ILE B 41 -9.90 3.74 -28.40
N LEU B 42 -10.12 2.86 -29.37
CA LEU B 42 -11.48 2.41 -29.65
C LEU B 42 -11.80 1.20 -28.81
N PRO B 43 -13.09 0.98 -28.54
CA PRO B 43 -13.53 -0.15 -27.71
C PRO B 43 -12.86 -1.46 -28.11
N ASP B 44 -12.38 -2.18 -27.10
CA ASP B 44 -11.68 -3.46 -27.25
C ASP B 44 -10.21 -3.34 -27.65
N GLN B 45 -9.75 -2.12 -27.90
CA GLN B 45 -8.33 -1.86 -28.17
C GLN B 45 -7.49 -1.76 -26.91
N LYS B 46 -6.20 -2.10 -27.04
CA LYS B 46 -5.27 -2.08 -25.91
C LYS B 46 -4.74 -0.67 -25.59
N ILE B 47 -4.67 -0.32 -24.30
CA ILE B 47 -3.94 0.87 -23.87
C ILE B 47 -2.46 0.50 -23.72
N PRO B 48 -1.60 1.52 -23.83
CA PRO B 48 -0.17 1.28 -23.77
C PRO B 48 0.04 0.71 -22.41
N THR B 49 0.80 -0.37 -22.32
CA THR B 49 1.01 -0.95 -20.98
C THR B 49 1.38 -0.29 -19.65
N GLU B 50 1.38 -1.06 -18.55
CA GLU B 50 1.66 -0.45 -17.26
C GLU B 50 3.10 0.06 -17.22
N ASN B 51 4.02 -0.77 -17.70
CA ASN B 51 5.44 -0.40 -17.82
C ASN B 51 5.62 0.85 -18.67
N GLU B 52 5.08 0.79 -19.88
CA GLU B 52 5.13 1.92 -20.80
C GLU B 52 4.58 3.16 -20.12
N LEU B 53 3.40 3.02 -19.54
CA LEU B 53 2.72 4.14 -18.91
C LEU B 53 3.60 4.78 -17.85
N MET B 54 4.26 3.95 -17.05
CA MET B 54 5.12 4.50 -16.00
C MET B 54 6.36 5.18 -16.56
N GLN B 55 6.90 4.66 -17.66
CA GLN B 55 8.07 5.28 -18.27
C GLN B 55 7.73 6.62 -18.93
N GLN B 56 6.54 6.72 -19.51
CA GLN B 56 6.10 7.94 -20.19
C GLN B 56 5.60 9.02 -19.21
N PHE B 57 4.88 8.61 -18.18
CA PHE B 57 4.38 9.55 -17.18
C PHE B 57 5.42 9.89 -16.11
N GLY B 58 6.41 9.03 -15.95
CA GLY B 58 7.41 9.23 -14.92
C GLY B 58 6.90 9.00 -13.50
N VAL B 59 6.02 8.01 -13.34
CA VAL B 59 5.50 7.68 -12.02
C VAL B 59 5.64 6.19 -11.71
N SER B 60 5.43 5.84 -10.45
CA SER B 60 5.54 4.45 -10.00
C SER B 60 4.48 3.58 -10.65
N ARG B 61 4.74 2.27 -10.70
CA ARG B 61 3.76 1.34 -11.21
C ARG B 61 2.49 1.33 -10.38
N HIS B 62 2.62 1.61 -9.09
CA HIS B 62 1.45 1.62 -8.23
C HIS B 62 0.54 2.82 -8.49
N THR B 63 1.14 3.93 -8.89
CA THR B 63 0.36 5.10 -9.28
C THR B 63 -0.48 4.79 -10.53
N ILE B 64 0.18 4.18 -11.51
CA ILE B 64 -0.47 3.75 -12.74
C ILE B 64 -1.61 2.78 -12.45
N ARG B 65 -1.31 1.76 -11.63
CA ARG B 65 -2.28 0.75 -11.28
C ARG B 65 -3.46 1.34 -10.49
N LYS B 66 -3.18 2.33 -9.67
CA LYS B 66 -4.25 3.01 -8.94
C LYS B 66 -5.20 3.72 -9.93
N ALA B 67 -4.63 4.50 -10.84
CA ALA B 67 -5.45 5.15 -11.88
C ALA B 67 -6.29 4.15 -12.68
N ILE B 68 -5.61 3.18 -13.26
CA ILE B 68 -6.28 2.15 -14.06
C ILE B 68 -7.37 1.41 -13.27
N GLY B 69 -7.05 1.01 -12.04
CA GLY B 69 -8.01 0.32 -11.20
C GLY B 69 -9.26 1.15 -11.00
N ASP B 70 -9.07 2.43 -10.69
CA ASP B 70 -10.22 3.33 -10.59
C ASP B 70 -11.03 3.30 -11.89
N LEU B 71 -10.36 3.39 -13.03
CA LEU B 71 -11.08 3.41 -14.31
C LEU B 71 -11.78 2.10 -14.66
N VAL B 72 -11.29 0.99 -14.11
CA VAL B 72 -11.92 -0.31 -14.30
C VAL B 72 -13.18 -0.35 -13.46
N SER B 73 -13.09 0.17 -12.25
CA SER B 73 -14.23 0.19 -11.33
C SER B 73 -15.42 0.97 -11.89
N GLN B 74 -15.14 2.05 -12.62
CA GLN B 74 -16.22 2.80 -13.24
C GLN B 74 -16.56 2.23 -14.62
N GLY B 75 -15.87 1.16 -14.99
CA GLY B 75 -16.19 0.38 -16.17
C GLY B 75 -15.68 0.92 -17.49
N LEU B 76 -14.75 1.86 -17.42
CA LEU B 76 -14.18 2.42 -18.64
C LEU B 76 -13.09 1.51 -19.24
N LEU B 77 -12.46 0.73 -18.39
CA LEU B 77 -11.42 -0.19 -18.83
C LEU B 77 -11.69 -1.59 -18.28
N TYR B 78 -11.05 -2.58 -18.89
CA TYR B 78 -11.01 -3.92 -18.29
C TYR B 78 -9.61 -4.46 -18.54
N SER B 79 -9.11 -5.28 -17.63
CA SER B 79 -7.74 -5.77 -17.78
C SER B 79 -7.68 -7.29 -17.79
N VAL B 80 -6.72 -7.83 -18.52
CA VAL B 80 -6.56 -9.28 -18.63
C VAL B 80 -5.15 -9.68 -18.20
N GLN B 81 -5.06 -10.44 -17.12
CA GLN B 81 -3.76 -10.82 -16.58
C GLN B 81 -2.96 -11.57 -17.64
N GLY B 82 -1.77 -11.06 -17.92
CA GLY B 82 -0.92 -11.59 -18.95
C GLY B 82 -1.33 -11.10 -20.32
N GLY B 83 -2.60 -10.69 -20.45
CA GLY B 83 -3.09 -10.13 -21.70
C GLY B 83 -2.76 -8.67 -21.95
N GLY B 84 -3.19 -7.81 -21.04
CA GLY B 84 -3.01 -6.37 -21.17
C GLY B 84 -4.22 -5.64 -20.60
N THR B 85 -4.30 -4.34 -20.83
CA THR B 85 -5.46 -3.56 -20.41
C THR B 85 -6.15 -2.93 -21.63
N PHE B 86 -7.47 -2.80 -21.56
CA PHE B 86 -8.30 -2.56 -22.73
C PHE B 86 -9.44 -1.56 -22.48
N VAL B 87 -9.88 -0.90 -23.55
CA VAL B 87 -11.08 -0.07 -23.53
C VAL B 87 -12.26 -0.98 -23.26
N ALA B 88 -13.14 -0.57 -22.37
CA ALA B 88 -14.41 -1.26 -22.19
C ALA B 88 -15.36 -0.80 -23.30
C ACT E . -3.08 -4.11 7.75
O ACT E . -3.14 -5.27 8.21
OXT ACT E . -4.01 -3.34 8.08
CH3 ACT E . -1.96 -3.66 6.84
C ACT F . 0.49 -12.55 5.55
O ACT F . 0.95 -13.57 6.10
OXT ACT F . -0.03 -11.70 6.31
CH3 ACT F . 0.55 -12.35 4.06
C ACT G . 6.55 13.98 -5.81
O ACT G . 6.25 12.83 -5.42
OXT ACT G . 5.60 14.72 -6.14
CH3 ACT G . 7.98 14.43 -5.90
C ACT H . -4.48 11.78 24.46
O ACT H . -3.66 10.91 24.08
OXT ACT H . -5.67 11.40 24.51
CH3 ACT H . -4.05 13.16 24.86
C ACT I . 7.57 -4.04 -10.29
O ACT I . 7.43 -2.80 -10.36
OXT ACT I . 6.53 -4.73 -10.26
CH3 ACT I . 8.93 -4.70 -10.24
#